data_8CKE
#
_entry.id   8CKE
#
_cell.length_a   77.923
_cell.length_b   108.033
_cell.length_c   112.759
_cell.angle_alpha   90.00
_cell.angle_beta   90.00
_cell.angle_gamma   90.00
#
_symmetry.space_group_name_H-M   'I 2 2 2'
#
loop_
_entity.id
_entity.type
_entity.pdbx_description
1 polymer 'ABC transporter substrate-binding protein'
2 branched beta-D-fructofuranose-(2-1)-alpha-D-glucopyranose
3 non-polymer 2-O-phosphono-beta-L-arabinopyranose
4 non-polymer 1,2-ETHANEDIOL
5 non-polymer 'ACETATE ION'
6 non-polymer 2-O-phosphono-alpha-L-arabinopyranose
7 water water
#
_entity_poly.entity_id   1
_entity_poly.type   'polypeptide(L)'
_entity_poly.pdbx_seq_one_letter_code
;ERRALRLGVNGLPNSLEPVNAISNVGPRIVNQIFDTLIARDFFAKGAPGNAIDLVPALAESWERIDEKSVRFKLRQKVMF
HDGVELTADDVAYTFSSERLWGPEAIKKIPLGKSYSLDFDEPVVEDKYTVTLRTKTPSYLIETFVASWMSRIVPKEYYKK
LGAVDFGNKPVGTGPYKFVEFVAGDRVVLEANDAYWGPKPTASKITYQIVAEPATRVAGLISGEYDIITTLTPDDIQLIN
SYPDLETRGTLIENFHMFTFNMNQEVFKDKKLRRALALAVNRPIMVEALWKKQASIPAGFNFPNYGETFDPKRKAMEYNV
EEAKRLVKESGYDGTPITYHTMGNYYANAMPALMMMIEMWKQIGVNVVMKTYAPGSFPPDNQTWMRNWSNGQWMTDAYAT
IVPEFGPNGQVQKRWGWKAPAEFNELCQKVTVLPNGKERFDAYNRMRDIFEEEAPAVILYQPYDVYAARKDVHWKPVSFE
MMEFRNNLSFG
;
_entity_poly.pdbx_strand_id   A
#
loop_
_chem_comp.id
_chem_comp.type
_chem_comp.name
_chem_comp.formula
ACT non-polymer 'ACETATE ION' 'C2 H3 O2 -1'
EDO non-polymer 1,2-ETHANEDIOL 'C2 H6 O2'
FRU D-saccharide, beta linking beta-D-fructofuranose 'C6 H12 O6'
GLC D-saccharide, alpha linking alpha-D-glucopyranose 'C6 H12 O6'
LAO L-saccharide, alpha linking 2-O-phosphono-alpha-L-arabinopyranose 'C5 H11 O8 P'
VDF L-saccharide, beta linking 2-O-phosphono-beta-L-arabinopyranose 'C5 H11 O8 P'
#
# COMPACT_ATOMS: atom_id res chain seq x y z
N GLU A 1 -29.57 -15.70 -11.38
CA GLU A 1 -28.48 -15.53 -10.41
C GLU A 1 -27.89 -14.11 -10.48
N ARG A 2 -27.19 -13.68 -9.44
CA ARG A 2 -26.51 -12.37 -9.45
C ARG A 2 -25.48 -12.30 -10.56
N ARG A 3 -25.12 -11.09 -10.95
CA ARG A 3 -24.13 -10.92 -12.00
C ARG A 3 -22.72 -11.26 -11.43
N ALA A 4 -21.90 -11.86 -12.30
CA ALA A 4 -20.49 -12.11 -12.01
C ALA A 4 -19.77 -10.82 -12.40
N LEU A 5 -18.79 -10.39 -11.59
CA LEU A 5 -17.98 -9.21 -11.81
C LEU A 5 -16.64 -9.61 -12.43
N ARG A 6 -16.25 -8.96 -13.53
CA ARG A 6 -15.02 -9.21 -14.24
C ARG A 6 -14.16 -8.00 -14.17
N LEU A 7 -13.00 -8.12 -13.54
CA LEU A 7 -12.08 -7.00 -13.37
C LEU A 7 -10.82 -7.21 -14.19
N GLY A 8 -10.42 -6.22 -14.96
CA GLY A 8 -9.18 -6.24 -15.70
C GLY A 8 -8.19 -5.44 -14.86
N VAL A 9 -7.15 -6.10 -14.33
CA VAL A 9 -6.27 -5.51 -13.35
C VAL A 9 -4.85 -5.36 -13.88
N ASN A 10 -4.10 -4.49 -13.26
CA ASN A 10 -2.73 -4.21 -13.65
C ASN A 10 -1.77 -5.35 -13.20
N GLY A 11 -2.10 -6.07 -12.16
CA GLY A 11 -1.22 -7.07 -11.58
C GLY A 11 -1.92 -7.88 -10.52
N LEU A 12 -1.24 -8.91 -10.00
CA LEU A 12 -1.77 -9.79 -8.98
C LEU A 12 -0.71 -10.01 -7.95
N PRO A 13 -1.09 -10.15 -6.68
CA PRO A 13 -0.10 -10.45 -5.64
C PRO A 13 0.44 -11.88 -5.82
N ASN A 14 1.62 -12.12 -5.29
CA ASN A 14 2.23 -13.45 -5.34
C ASN A 14 1.56 -14.39 -4.33
N SER A 15 0.86 -13.88 -3.30
CA SER A 15 0.25 -14.64 -2.25
C SER A 15 -1.01 -13.92 -1.79
N LEU A 16 -2.00 -14.67 -1.35
CA LEU A 16 -3.21 -14.14 -0.73
C LEU A 16 -3.19 -14.22 0.77
N GLU A 17 -2.01 -14.48 1.38
CA GLU A 17 -1.81 -14.34 2.80
C GLU A 17 -1.89 -12.79 2.98
N PRO A 18 -2.76 -12.26 3.86
CA PRO A 18 -3.11 -10.85 3.75
C PRO A 18 -1.98 -9.86 4.01
N VAL A 19 -1.03 -10.19 4.86
CA VAL A 19 0.10 -9.29 5.09
C VAL A 19 1.07 -9.40 3.91
N ASN A 20 1.35 -10.63 3.47
CA ASN A 20 2.26 -10.80 2.36
C ASN A 20 1.66 -10.24 1.04
N ALA A 21 0.35 -10.05 1.00
CA ALA A 21 -0.37 -9.49 -0.18
C ALA A 21 -0.30 -7.97 -0.21
N ILE A 22 0.27 -7.31 0.84
CA ILE A 22 0.33 -5.83 0.91
C ILE A 22 1.13 -5.32 -0.31
N SER A 23 0.45 -4.50 -1.11
CA SER A 23 0.95 -4.08 -2.41
C SER A 23 -0.19 -3.27 -3.05
N ASN A 24 0.05 -2.68 -4.21
CA ASN A 24 -1.02 -1.98 -4.90
C ASN A 24 -2.09 -2.94 -5.39
N VAL A 25 -1.77 -4.21 -5.55
CA VAL A 25 -2.67 -5.16 -6.23
C VAL A 25 -3.31 -6.21 -5.36
N GLY A 26 -2.78 -6.41 -4.17
CA GLY A 26 -3.31 -7.41 -3.25
C GLY A 26 -4.54 -7.02 -2.45
N PRO A 27 -4.58 -5.81 -1.86
CA PRO A 27 -5.72 -5.43 -1.03
C PRO A 27 -7.07 -5.49 -1.74
N ARG A 28 -7.14 -5.22 -3.05
CA ARG A 28 -8.45 -5.28 -3.73
C ARG A 28 -9.01 -6.67 -3.78
N ILE A 29 -8.15 -7.68 -3.55
CA ILE A 29 -8.59 -9.08 -3.43
C ILE A 29 -8.75 -9.45 -1.97
N VAL A 30 -7.73 -9.24 -1.12
CA VAL A 30 -7.81 -9.71 0.29
C VAL A 30 -8.85 -8.93 1.11
N ASN A 31 -9.24 -7.70 0.69
CA ASN A 31 -10.33 -6.99 1.36
C ASN A 31 -11.65 -7.74 1.21
N GLN A 32 -11.78 -8.60 0.18
CA GLN A 32 -13.01 -9.36 -0.03
C GLN A 32 -13.01 -10.65 0.79
N ILE A 33 -11.84 -11.29 0.95
CA ILE A 33 -11.73 -12.58 1.64
C ILE A 33 -11.73 -12.47 3.13
N PHE A 34 -11.25 -11.34 3.63
CA PHE A 34 -11.08 -11.16 5.04
C PHE A 34 -11.78 -9.94 5.58
N ASP A 35 -11.81 -9.88 6.91
CA ASP A 35 -12.29 -8.72 7.63
C ASP A 35 -11.27 -8.31 8.68
N THR A 36 -11.47 -7.09 9.22
CA THR A 36 -10.67 -6.57 10.34
C THR A 36 -11.56 -6.41 11.57
N LEU A 37 -10.97 -6.14 12.71
CA LEU A 37 -11.73 -5.86 13.93
C LEU A 37 -12.49 -4.55 13.84
N ILE A 38 -11.82 -3.55 13.36
CA ILE A 38 -12.32 -2.19 13.14
C ILE A 38 -12.14 -1.92 11.66
N ALA A 39 -13.15 -1.33 11.04
CA ALA A 39 -13.02 -0.98 9.62
C ALA A 39 -13.05 0.50 9.43
N ARG A 40 -12.31 0.97 8.46
CA ARG A 40 -12.39 2.37 8.07
C ARG A 40 -13.60 2.48 7.16
N ASP A 41 -14.51 3.39 7.45
CA ASP A 41 -15.66 3.63 6.59
C ASP A 41 -15.40 4.85 5.77
N PHE A 42 -14.91 4.63 4.56
CA PHE A 42 -14.56 5.73 3.65
C PHE A 42 -15.76 6.58 3.22
N PHE A 43 -16.97 6.06 3.33
CA PHE A 43 -18.17 6.76 2.92
C PHE A 43 -18.94 7.34 4.08
N ALA A 44 -18.34 7.41 5.27
CA ALA A 44 -19.04 7.91 6.46
C ALA A 44 -19.54 9.31 6.24
N LYS A 45 -20.76 9.59 6.73
CA LYS A 45 -21.36 10.91 6.69
C LYS A 45 -21.35 11.53 5.28
N GLY A 46 -21.66 10.71 4.28
CA GLY A 46 -21.71 11.18 2.90
C GLY A 46 -20.40 11.51 2.20
N ALA A 47 -19.21 11.23 2.80
CA ALA A 47 -17.94 11.52 2.13
C ALA A 47 -17.82 10.79 0.80
N PRO A 48 -17.11 11.40 -0.17
CA PRO A 48 -16.90 10.77 -1.47
C PRO A 48 -15.73 9.78 -1.46
N GLY A 49 -15.80 8.83 -0.56
CA GLY A 49 -14.80 7.76 -0.46
C GLY A 49 -13.49 8.09 0.18
N ASN A 50 -13.42 9.17 1.00
CA ASN A 50 -12.22 9.57 1.64
C ASN A 50 -12.37 9.83 3.13
N ALA A 51 -13.46 9.40 3.75
CA ALA A 51 -13.60 9.60 5.19
C ALA A 51 -12.60 8.74 5.97
N ILE A 52 -12.22 9.17 7.18
CA ILE A 52 -11.28 8.44 8.05
C ILE A 52 -11.94 7.68 9.20
N ASP A 53 -13.26 7.80 9.34
CA ASP A 53 -14.03 7.24 10.44
C ASP A 53 -13.79 5.76 10.62
N LEU A 54 -13.56 5.34 11.87
CA LEU A 54 -13.40 3.94 12.23
C LEU A 54 -14.69 3.43 12.83
N VAL A 55 -15.16 2.29 12.35
CA VAL A 55 -16.40 1.70 12.75
C VAL A 55 -16.24 0.24 13.16
N PRO A 56 -17.18 -0.30 13.95
CA PRO A 56 -17.10 -1.73 14.27
C PRO A 56 -17.19 -2.64 13.07
N ALA A 57 -16.44 -3.74 13.16
CA ALA A 57 -16.47 -4.77 12.10
C ALA A 57 -16.50 -6.17 12.82
N LEU A 58 -15.41 -6.96 12.86
CA LEU A 58 -15.41 -8.21 13.61
C LEU A 58 -15.50 -7.93 15.10
N ALA A 59 -15.04 -6.76 15.56
CA ALA A 59 -15.27 -6.33 16.94
C ALA A 59 -16.53 -5.53 16.91
N GLU A 60 -17.50 -5.96 17.72
CA GLU A 60 -18.76 -5.21 17.85
C GLU A 60 -18.53 -3.90 18.64
N SER A 61 -17.54 -3.91 19.55
CA SER A 61 -17.15 -2.76 20.28
C SER A 61 -15.69 -2.90 20.73
N TRP A 62 -15.09 -1.80 21.11
CA TRP A 62 -13.76 -1.80 21.68
C TRP A 62 -13.58 -0.65 22.66
N GLU A 63 -12.59 -0.76 23.55
CA GLU A 63 -12.28 0.27 24.49
C GLU A 63 -10.79 0.34 24.69
N ARG A 64 -10.22 1.56 24.56
CA ARG A 64 -8.85 1.75 24.93
C ARG A 64 -8.78 1.74 26.43
N ILE A 65 -7.90 0.90 26.99
CA ILE A 65 -7.71 0.80 28.44
C ILE A 65 -6.75 1.84 28.94
N ASP A 66 -5.60 1.98 28.28
CA ASP A 66 -4.54 2.87 28.73
C ASP A 66 -3.65 3.17 27.52
N GLU A 67 -2.47 3.68 27.75
CA GLU A 67 -1.59 4.09 26.68
C GLU A 67 -1.00 2.93 25.90
N LYS A 68 -1.26 1.66 26.28
CA LYS A 68 -0.69 0.56 25.56
C LYS A 68 -1.59 -0.60 25.39
N SER A 69 -2.91 -0.43 25.52
CA SER A 69 -3.79 -1.59 25.36
C SER A 69 -5.19 -1.20 25.00
N VAL A 70 -5.80 -2.05 24.19
CA VAL A 70 -7.17 -1.88 23.70
C VAL A 70 -7.86 -3.23 23.78
N ARG A 71 -9.03 -3.26 24.46
CA ARG A 71 -9.85 -4.46 24.57
C ARG A 71 -10.94 -4.47 23.53
N PHE A 72 -11.13 -5.63 22.85
CA PHE A 72 -12.11 -5.83 21.80
C PHE A 72 -13.12 -6.84 22.21
N LYS A 73 -14.39 -6.58 21.95
CA LYS A 73 -15.48 -7.50 22.16
C LYS A 73 -15.87 -7.97 20.79
N LEU A 74 -15.77 -9.26 20.55
CA LEU A 74 -15.98 -9.81 19.26
C LEU A 74 -17.41 -10.09 18.94
N ARG A 75 -17.77 -9.85 17.65
CA ARG A 75 -19.08 -10.24 17.17
C ARG A 75 -19.15 -11.79 17.25
N GLN A 76 -20.27 -12.34 17.77
CA GLN A 76 -20.47 -13.77 17.98
C GLN A 76 -21.08 -14.52 16.78
N LYS A 77 -20.71 -15.79 16.65
CA LYS A 77 -21.21 -16.67 15.61
C LYS A 77 -20.81 -16.25 14.18
N VAL A 78 -19.66 -15.57 14.08
CA VAL A 78 -19.09 -15.25 12.78
C VAL A 78 -18.32 -16.48 12.37
N MET A 79 -18.45 -16.89 11.11
N MET A 79 -18.49 -16.96 11.13
CA MET A 79 -17.74 -18.04 10.61
CA MET A 79 -17.76 -18.14 10.69
C MET A 79 -16.72 -17.72 9.56
C MET A 79 -16.79 -17.81 9.56
N PHE A 80 -15.62 -18.49 9.59
CA PHE A 80 -14.66 -18.50 8.54
C PHE A 80 -15.34 -19.31 7.39
N HIS A 81 -14.78 -19.23 6.18
CA HIS A 81 -15.35 -19.86 5.01
C HIS A 81 -15.41 -21.36 5.10
N ASP A 82 -14.48 -21.98 5.86
CA ASP A 82 -14.45 -23.44 6.06
C ASP A 82 -15.35 -23.93 7.18
N GLY A 83 -16.16 -23.04 7.79
CA GLY A 83 -17.08 -23.31 8.85
C GLY A 83 -16.69 -23.02 10.28
N VAL A 84 -15.41 -22.85 10.51
CA VAL A 84 -14.90 -22.61 11.87
C VAL A 84 -15.39 -21.25 12.43
N GLU A 85 -15.88 -21.20 13.69
CA GLU A 85 -16.36 -19.99 14.29
C GLU A 85 -15.17 -19.15 14.70
N LEU A 86 -15.23 -17.86 14.38
CA LEU A 86 -14.23 -16.91 14.82
C LEU A 86 -14.24 -16.78 16.33
N THR A 87 -13.04 -16.85 16.93
CA THR A 87 -12.92 -16.60 18.35
C THR A 87 -11.70 -15.72 18.64
N ALA A 88 -11.55 -15.34 19.93
CA ALA A 88 -10.38 -14.62 20.40
C ALA A 88 -9.10 -15.32 20.10
N ASP A 89 -9.11 -16.66 20.01
CA ASP A 89 -7.89 -17.40 19.70
C ASP A 89 -7.38 -17.07 18.30
N ASP A 90 -8.28 -16.91 17.34
CA ASP A 90 -7.87 -16.56 15.98
C ASP A 90 -7.30 -15.14 15.96
N VAL A 91 -7.92 -14.24 16.70
CA VAL A 91 -7.46 -12.84 16.79
C VAL A 91 -6.11 -12.82 17.49
N ALA A 92 -5.94 -13.57 18.61
CA ALA A 92 -4.67 -13.59 19.26
C ALA A 92 -3.58 -14.15 18.37
N TYR A 93 -3.87 -15.19 17.59
CA TYR A 93 -2.92 -15.77 16.66
C TYR A 93 -2.54 -14.79 15.57
N THR A 94 -3.53 -14.10 15.03
CA THR A 94 -3.29 -13.07 14.01
C THR A 94 -2.25 -12.04 14.46
N PHE A 95 -2.35 -11.60 15.75
CA PHE A 95 -1.43 -10.59 16.32
C PHE A 95 -0.36 -11.17 17.24
N SER A 96 -0.02 -12.46 17.03
CA SER A 96 0.95 -13.11 17.89
C SER A 96 2.42 -12.89 17.49
N SER A 97 3.29 -13.21 18.46
CA SER A 97 4.73 -13.25 18.20
C SER A 97 5.03 -14.33 17.12
N GLU A 98 4.39 -15.48 17.27
CA GLU A 98 4.58 -16.63 16.41
C GLU A 98 4.29 -16.35 14.96
N ARG A 99 3.17 -15.68 14.67
CA ARG A 99 2.74 -15.50 13.30
C ARG A 99 3.15 -14.17 12.71
N LEU A 100 3.17 -13.11 13.48
CA LEU A 100 3.32 -11.77 12.95
C LEU A 100 4.60 -11.01 13.27
N TRP A 101 4.91 -10.75 14.55
CA TRP A 101 5.92 -9.79 14.91
C TRP A 101 7.15 -10.35 15.62
N GLY A 102 7.12 -11.58 16.04
CA GLY A 102 8.25 -12.15 16.79
C GLY A 102 9.34 -12.57 15.83
N PRO A 103 10.51 -12.98 16.32
CA PRO A 103 11.56 -13.49 15.41
C PRO A 103 11.19 -14.70 14.58
N GLU A 104 10.39 -15.59 15.12
CA GLU A 104 9.88 -16.76 14.42
C GLU A 104 8.94 -16.44 13.25
N ALA A 105 8.36 -15.26 13.24
CA ALA A 105 7.43 -14.86 12.18
C ALA A 105 8.12 -14.48 10.87
N ILE A 106 9.43 -14.27 10.86
CA ILE A 106 10.14 -13.85 9.65
C ILE A 106 10.04 -14.83 8.52
N LYS A 107 9.94 -16.12 8.84
CA LYS A 107 9.85 -17.13 7.79
C LYS A 107 8.43 -17.24 7.20
N LYS A 108 7.41 -16.66 7.86
CA LYS A 108 6.02 -16.71 7.42
C LYS A 108 5.70 -15.40 6.72
N ILE A 109 6.06 -14.29 7.35
CA ILE A 109 5.75 -12.92 6.93
C ILE A 109 7.02 -12.09 7.03
N PRO A 110 7.80 -12.01 5.95
CA PRO A 110 9.13 -11.37 6.05
C PRO A 110 9.15 -9.97 6.56
N LEU A 111 8.08 -9.21 6.28
CA LEU A 111 8.01 -7.81 6.75
C LEU A 111 7.12 -7.58 7.96
N GLY A 112 6.64 -8.67 8.59
CA GLY A 112 5.73 -8.58 9.71
C GLY A 112 6.27 -7.78 10.86
N LYS A 113 7.48 -8.12 11.31
CA LYS A 113 8.08 -7.39 12.43
C LYS A 113 8.32 -5.92 12.06
N SER A 114 8.88 -5.67 10.87
CA SER A 114 9.23 -4.28 10.53
C SER A 114 8.00 -3.43 10.39
N TYR A 115 6.88 -4.02 9.95
CA TYR A 115 5.62 -3.27 9.79
C TYR A 115 4.73 -3.23 11.02
N SER A 116 5.08 -3.97 12.08
CA SER A 116 4.24 -4.04 13.28
C SER A 116 4.61 -3.02 14.31
N LEU A 117 3.67 -2.79 15.23
CA LEU A 117 3.91 -2.02 16.41
C LEU A 117 4.78 -2.88 17.36
N ASP A 118 5.21 -2.27 18.47
CA ASP A 118 5.99 -2.99 19.50
C ASP A 118 5.06 -3.85 20.37
N PHE A 119 4.44 -4.81 19.75
CA PHE A 119 3.42 -5.61 20.40
C PHE A 119 4.00 -6.47 21.52
N ASP A 120 3.13 -6.68 22.49
CA ASP A 120 3.27 -7.76 23.42
C ASP A 120 2.22 -8.78 23.03
N GLU A 121 2.30 -9.99 23.60
CA GLU A 121 1.34 -11.05 23.24
C GLU A 121 -0.07 -10.62 23.61
N PRO A 122 -1.04 -10.83 22.71
CA PRO A 122 -2.42 -10.54 23.07
C PRO A 122 -2.90 -11.29 24.32
N VAL A 123 -3.85 -10.70 25.04
CA VAL A 123 -4.45 -11.33 26.18
C VAL A 123 -5.86 -11.76 25.79
N VAL A 124 -6.13 -13.06 25.82
CA VAL A 124 -7.47 -13.57 25.61
C VAL A 124 -8.12 -13.64 26.97
N GLU A 125 -9.29 -13.03 27.14
CA GLU A 125 -10.07 -13.14 28.35
C GLU A 125 -11.16 -14.21 28.23
N ASP A 126 -11.82 -14.28 27.10
CA ASP A 126 -12.79 -15.31 26.82
C ASP A 126 -12.93 -15.47 25.32
N LYS A 127 -13.72 -16.46 24.89
CA LYS A 127 -13.93 -16.77 23.50
C LYS A 127 -14.24 -15.54 22.62
N TYR A 128 -14.87 -14.49 23.21
CA TYR A 128 -15.23 -13.29 22.48
C TYR A 128 -14.61 -12.01 23.02
N THR A 129 -13.52 -12.11 23.78
CA THR A 129 -12.88 -10.92 24.37
C THR A 129 -11.38 -11.04 24.28
N VAL A 130 -10.71 -10.07 23.63
CA VAL A 130 -9.27 -10.12 23.47
C VAL A 130 -8.70 -8.71 23.55
N THR A 131 -7.56 -8.58 24.20
CA THR A 131 -6.88 -7.31 24.32
C THR A 131 -5.62 -7.34 23.51
N LEU A 132 -5.37 -6.32 22.70
CA LEU A 132 -4.15 -6.15 21.97
C LEU A 132 -3.37 -5.08 22.69
N ARG A 133 -2.07 -5.28 22.78
CA ARG A 133 -1.25 -4.39 23.59
C ARG A 133 0.15 -4.29 23.09
N THR A 134 0.78 -3.20 23.48
CA THR A 134 2.17 -2.93 23.17
C THR A 134 3.02 -2.90 24.44
N LYS A 135 4.26 -3.30 24.31
CA LYS A 135 5.24 -3.36 25.42
C LYS A 135 5.55 -1.94 25.92
N THR A 136 5.64 -0.99 24.98
CA THR A 136 5.82 0.41 25.19
C THR A 136 4.59 1.20 24.77
N PRO A 137 4.43 2.48 25.20
CA PRO A 137 3.22 3.23 24.83
C PRO A 137 2.97 3.30 23.33
N SER A 138 1.71 3.14 22.91
CA SER A 138 1.36 3.31 21.49
C SER A 138 0.00 3.81 21.39
N TYR A 139 -0.15 4.98 20.82
CA TYR A 139 -1.45 5.52 20.53
C TYR A 139 -1.88 5.14 19.11
N LEU A 140 -1.18 4.20 18.46
CA LEU A 140 -1.48 3.79 17.11
C LEU A 140 -2.21 2.45 16.98
N ILE A 141 -2.60 1.83 18.11
CA ILE A 141 -3.21 0.51 18.03
C ILE A 141 -4.49 0.50 17.20
N GLU A 142 -5.35 1.51 17.36
CA GLU A 142 -6.64 1.52 16.62
C GLU A 142 -6.42 1.68 15.12
N THR A 143 -5.58 2.64 14.69
CA THR A 143 -5.35 2.80 13.24
C THR A 143 -4.64 1.56 12.68
N PHE A 144 -3.74 0.94 13.49
CA PHE A 144 -3.10 -0.29 13.05
C PHE A 144 -4.14 -1.40 12.83
N VAL A 145 -5.05 -1.55 13.78
CA VAL A 145 -6.04 -2.63 13.73
C VAL A 145 -7.04 -2.45 12.58
N ALA A 146 -7.26 -1.24 12.12
CA ALA A 146 -8.11 -1.03 10.94
C ALA A 146 -7.35 -1.16 9.63
N SER A 147 -6.06 -1.35 9.65
CA SER A 147 -5.24 -1.35 8.45
C SER A 147 -5.10 -2.71 7.80
N TRP A 148 -4.42 -2.70 6.68
CA TRP A 148 -4.10 -3.87 5.92
C TRP A 148 -3.15 -4.85 6.65
N MET A 149 -2.54 -4.44 7.77
CA MET A 149 -1.77 -5.41 8.56
C MET A 149 -2.67 -6.38 9.35
N SER A 150 -3.95 -6.08 9.49
CA SER A 150 -4.77 -6.62 10.54
C SER A 150 -5.97 -7.40 10.12
N ARG A 151 -5.94 -7.94 8.90
CA ARG A 151 -7.00 -8.89 8.50
C ARG A 151 -6.86 -10.17 9.33
N ILE A 152 -8.03 -10.67 9.83
CA ILE A 152 -8.04 -11.81 10.77
C ILE A 152 -7.97 -13.16 10.09
N VAL A 153 -6.95 -13.93 10.42
CA VAL A 153 -6.74 -15.25 9.84
C VAL A 153 -7.22 -16.33 10.81
N PRO A 154 -7.57 -17.51 10.29
CA PRO A 154 -8.02 -18.62 11.14
C PRO A 154 -6.81 -19.35 11.68
N LYS A 155 -6.71 -19.44 12.99
CA LYS A 155 -5.56 -20.06 13.62
C LYS A 155 -5.27 -21.49 13.17
N GLU A 156 -6.23 -22.39 13.34
CA GLU A 156 -5.93 -23.81 13.16
C GLU A 156 -5.63 -24.11 11.70
N TYR A 157 -6.44 -23.56 10.79
CA TYR A 157 -6.24 -23.76 9.34
C TYR A 157 -4.92 -23.18 8.88
N TYR A 158 -4.60 -21.93 9.32
CA TYR A 158 -3.35 -21.30 8.93
C TYR A 158 -2.15 -22.11 9.46
N LYS A 159 -2.20 -22.58 10.71
CA LYS A 159 -1.08 -23.35 11.28
C LYS A 159 -0.93 -24.66 10.53
N LYS A 160 -2.03 -25.31 10.19
CA LYS A 160 -2.03 -26.59 9.45
C LYS A 160 -1.34 -26.46 8.09
N LEU A 161 -1.70 -25.46 7.30
CA LEU A 161 -1.15 -25.27 5.96
C LEU A 161 0.21 -24.59 5.98
N GLY A 162 0.44 -23.69 6.92
CA GLY A 162 1.60 -22.85 6.91
C GLY A 162 1.28 -21.62 6.04
N ALA A 163 2.04 -20.55 6.22
CA ALA A 163 1.80 -19.29 5.53
C ALA A 163 1.90 -19.35 4.01
N VAL A 164 2.80 -20.19 3.47
CA VAL A 164 2.94 -20.26 2.03
C VAL A 164 1.70 -20.93 1.40
N ASP A 165 1.32 -22.12 1.89
CA ASP A 165 0.16 -22.82 1.35
C ASP A 165 -1.15 -22.09 1.67
N PHE A 166 -1.26 -21.45 2.86
CA PHE A 166 -2.43 -20.62 3.17
C PHE A 166 -2.58 -19.52 2.11
N GLY A 167 -1.47 -18.91 1.68
CA GLY A 167 -1.47 -17.88 0.64
C GLY A 167 -2.01 -18.32 -0.69
N ASN A 168 -1.98 -19.63 -0.96
CA ASN A 168 -2.54 -20.21 -2.18
C ASN A 168 -3.94 -20.76 -1.99
N LYS A 169 -4.44 -20.88 -0.78
CA LYS A 169 -5.78 -21.41 -0.48
C LYS A 169 -6.31 -20.69 0.75
N PRO A 170 -6.52 -19.35 0.65
CA PRO A 170 -6.90 -18.59 1.85
C PRO A 170 -8.30 -18.84 2.32
N VAL A 171 -8.49 -18.75 3.63
CA VAL A 171 -9.78 -18.83 4.27
C VAL A 171 -9.90 -17.62 5.18
N GLY A 172 -11.01 -16.88 5.06
CA GLY A 172 -11.27 -15.72 5.91
C GLY A 172 -12.72 -15.68 6.31
N THR A 173 -13.16 -14.52 6.82
CA THR A 173 -14.56 -14.31 7.21
C THR A 173 -15.31 -13.38 6.25
N GLY A 174 -14.68 -12.94 5.18
CA GLY A 174 -15.15 -11.87 4.35
C GLY A 174 -16.26 -12.26 3.41
N PRO A 175 -16.75 -11.25 2.68
CA PRO A 175 -17.94 -11.43 1.85
C PRO A 175 -17.77 -12.29 0.59
N TYR A 176 -16.54 -12.57 0.20
CA TYR A 176 -16.26 -13.43 -0.93
C TYR A 176 -15.25 -14.48 -0.48
N LYS A 177 -15.47 -15.70 -0.90
CA LYS A 177 -14.59 -16.80 -0.60
C LYS A 177 -13.77 -17.27 -1.80
N PHE A 178 -12.64 -17.90 -1.53
CA PHE A 178 -11.69 -18.30 -2.53
C PHE A 178 -12.14 -19.43 -3.43
N VAL A 179 -11.94 -19.29 -4.75
CA VAL A 179 -12.25 -20.36 -5.72
C VAL A 179 -10.93 -20.87 -6.32
N GLU A 180 -10.12 -19.97 -6.92
CA GLU A 180 -8.90 -20.40 -7.62
C GLU A 180 -7.93 -19.27 -7.80
N PHE A 181 -6.65 -19.61 -7.95
CA PHE A 181 -5.54 -18.72 -8.13
C PHE A 181 -4.59 -19.34 -9.12
N VAL A 182 -4.52 -18.76 -10.31
CA VAL A 182 -3.60 -19.18 -11.34
C VAL A 182 -2.55 -18.10 -11.34
N ALA A 183 -1.37 -18.40 -10.77
CA ALA A 183 -0.28 -17.43 -10.57
C ALA A 183 0.01 -16.59 -11.80
N GLY A 184 0.06 -15.27 -11.63
CA GLY A 184 0.32 -14.39 -12.77
C GLY A 184 -0.76 -14.36 -13.84
N ASP A 185 -1.99 -14.87 -13.54
CA ASP A 185 -3.07 -14.90 -14.56
C ASP A 185 -4.44 -14.44 -13.98
N ARG A 186 -4.97 -15.14 -12.98
CA ARG A 186 -6.25 -14.76 -12.40
C ARG A 186 -6.43 -15.26 -11.02
N VAL A 187 -7.34 -14.56 -10.29
CA VAL A 187 -7.89 -14.95 -9.05
C VAL A 187 -9.39 -14.91 -9.19
N VAL A 188 -10.06 -15.95 -8.72
CA VAL A 188 -11.50 -16.04 -8.79
C VAL A 188 -12.01 -16.23 -7.37
N LEU A 189 -13.01 -15.42 -6.98
CA LEU A 189 -13.70 -15.54 -5.70
C LEU A 189 -15.18 -15.72 -5.99
N GLU A 190 -15.92 -16.31 -5.04
CA GLU A 190 -17.36 -16.48 -5.12
C GLU A 190 -18.06 -15.91 -3.89
N ALA A 191 -19.32 -15.52 -4.02
CA ALA A 191 -20.09 -14.97 -2.92
C ALA A 191 -20.10 -15.86 -1.71
N ASN A 192 -19.88 -15.28 -0.54
CA ASN A 192 -20.00 -15.97 0.73
C ASN A 192 -21.38 -15.55 1.25
N ASP A 193 -22.41 -16.35 0.98
CA ASP A 193 -23.78 -16.01 1.40
C ASP A 193 -24.03 -16.27 2.89
N ALA A 194 -23.06 -16.78 3.63
CA ALA A 194 -23.09 -16.86 5.09
C ALA A 194 -22.42 -15.63 5.75
N TYR A 195 -22.08 -14.59 4.97
CA TYR A 195 -21.39 -13.44 5.49
C TYR A 195 -22.15 -12.74 6.62
N TRP A 196 -21.45 -12.32 7.67
CA TRP A 196 -22.07 -11.62 8.79
C TRP A 196 -22.56 -10.20 8.50
N GLY A 197 -21.95 -9.53 7.53
CA GLY A 197 -22.27 -8.15 7.19
C GLY A 197 -23.14 -8.02 5.95
N PRO A 198 -23.07 -6.86 5.27
CA PRO A 198 -23.87 -6.68 4.04
C PRO A 198 -23.62 -7.84 3.07
N LYS A 199 -24.70 -8.50 2.59
CA LYS A 199 -24.56 -9.66 1.73
C LYS A 199 -23.91 -9.33 0.41
N PRO A 200 -23.05 -10.25 -0.09
CA PRO A 200 -22.38 -9.98 -1.38
C PRO A 200 -23.39 -9.82 -2.51
N THR A 201 -23.14 -8.86 -3.40
CA THR A 201 -24.04 -8.56 -4.51
C THR A 201 -23.58 -9.12 -5.87
N ALA A 202 -22.35 -9.62 -5.97
CA ALA A 202 -21.91 -10.33 -7.17
C ALA A 202 -21.91 -11.82 -6.81
N SER A 203 -22.15 -12.66 -7.80
CA SER A 203 -22.09 -14.10 -7.59
C SER A 203 -20.64 -14.60 -7.56
N LYS A 204 -19.77 -13.92 -8.29
CA LYS A 204 -18.37 -14.26 -8.45
C LYS A 204 -17.61 -13.02 -8.81
N ILE A 205 -16.33 -12.96 -8.43
CA ILE A 205 -15.43 -11.90 -8.85
C ILE A 205 -14.20 -12.51 -9.50
N THR A 206 -13.83 -12.10 -10.72
CA THR A 206 -12.61 -12.54 -11.38
C THR A 206 -11.67 -11.39 -11.51
N TYR A 207 -10.43 -11.52 -11.04
CA TYR A 207 -9.39 -10.56 -11.20
C TYR A 207 -8.48 -11.11 -12.28
N GLN A 208 -8.57 -10.58 -13.49
CA GLN A 208 -7.78 -11.04 -14.61
C GLN A 208 -6.67 -10.08 -14.89
N ILE A 209 -5.44 -10.54 -14.88
CA ILE A 209 -4.32 -9.64 -15.18
C ILE A 209 -4.37 -9.29 -16.67
N VAL A 210 -4.21 -8.01 -16.95
CA VAL A 210 -4.05 -7.47 -18.30
C VAL A 210 -2.97 -6.43 -18.10
N ALA A 211 -1.72 -6.86 -18.27
CA ALA A 211 -0.59 -6.04 -17.89
C ALA A 211 -0.44 -4.78 -18.73
N GLU A 212 -0.79 -4.84 -20.02
CA GLU A 212 -0.69 -3.65 -20.86
C GLU A 212 -1.94 -2.79 -20.76
N PRO A 213 -1.83 -1.51 -20.35
CA PRO A 213 -3.06 -0.72 -20.17
C PRO A 213 -3.87 -0.51 -21.46
N ALA A 214 -3.24 -0.45 -22.64
CA ALA A 214 -4.00 -0.32 -23.87
C ALA A 214 -4.92 -1.53 -24.09
N THR A 215 -4.43 -2.74 -23.80
CA THR A 215 -5.20 -3.97 -23.90
C THR A 215 -6.35 -3.95 -22.90
N ARG A 216 -6.08 -3.45 -21.71
CA ARG A 216 -7.09 -3.31 -20.66
C ARG A 216 -8.25 -2.41 -21.11
N VAL A 217 -7.92 -1.24 -21.69
CA VAL A 217 -8.90 -0.29 -22.20
C VAL A 217 -9.69 -0.92 -23.33
N ALA A 218 -8.99 -1.59 -24.28
CA ALA A 218 -9.71 -2.29 -25.35
C ALA A 218 -10.69 -3.34 -24.82
N GLY A 219 -10.31 -4.04 -23.74
CA GLY A 219 -11.16 -5.04 -23.12
C GLY A 219 -12.41 -4.46 -22.48
N LEU A 220 -12.34 -3.23 -21.95
CA LEU A 220 -13.51 -2.56 -21.42
C LEU A 220 -14.43 -2.13 -22.57
N ILE A 221 -13.83 -1.60 -23.62
CA ILE A 221 -14.57 -1.13 -24.79
C ILE A 221 -15.28 -2.31 -25.45
N SER A 222 -14.65 -3.47 -25.52
CA SER A 222 -15.25 -4.66 -26.15
C SER A 222 -16.30 -5.37 -25.34
N GLY A 223 -16.43 -5.05 -24.07
CA GLY A 223 -17.37 -5.73 -23.20
C GLY A 223 -16.77 -6.90 -22.45
N GLU A 224 -15.42 -7.07 -22.41
CA GLU A 224 -14.81 -8.19 -21.66
C GLU A 224 -14.75 -7.96 -20.15
N TYR A 225 -14.69 -6.69 -19.74
CA TYR A 225 -14.54 -6.34 -18.31
C TYR A 225 -15.60 -5.38 -17.88
N ASP A 226 -15.95 -5.44 -16.61
CA ASP A 226 -16.91 -4.55 -15.97
C ASP A 226 -16.18 -3.33 -15.42
N ILE A 227 -15.01 -3.55 -14.81
CA ILE A 227 -14.17 -2.48 -14.25
C ILE A 227 -12.74 -2.83 -14.60
N ILE A 228 -11.95 -1.79 -14.92
CA ILE A 228 -10.54 -1.90 -15.16
C ILE A 228 -9.79 -0.94 -14.28
N THR A 229 -8.58 -1.31 -13.87
CA THR A 229 -7.80 -0.54 -12.91
C THR A 229 -6.57 0.12 -13.55
N THR A 230 -5.99 1.04 -12.79
CA THR A 230 -4.66 1.56 -13.01
C THR A 230 -4.49 2.21 -14.34
N LEU A 231 -5.43 3.08 -14.67
CA LEU A 231 -5.31 3.87 -15.89
C LEU A 231 -4.64 5.23 -15.55
N THR A 232 -4.36 6.01 -16.58
CA THR A 232 -3.81 7.33 -16.39
C THR A 232 -4.86 8.35 -16.74
N PRO A 233 -4.71 9.60 -16.28
CA PRO A 233 -5.67 10.64 -16.69
C PRO A 233 -5.67 10.83 -18.22
N ASP A 234 -4.62 10.42 -18.92
CA ASP A 234 -4.56 10.53 -20.36
C ASP A 234 -5.59 9.63 -21.05
N ASP A 235 -6.18 8.65 -20.33
CA ASP A 235 -7.18 7.75 -20.90
C ASP A 235 -8.61 8.25 -20.71
N ILE A 236 -8.81 9.31 -19.91
CA ILE A 236 -10.12 9.77 -19.53
C ILE A 236 -10.97 10.22 -20.71
N GLN A 237 -10.42 11.03 -21.63
CA GLN A 237 -11.21 11.52 -22.76
C GLN A 237 -11.77 10.41 -23.66
N LEU A 238 -10.94 9.42 -24.02
CA LEU A 238 -11.41 8.33 -24.85
C LEU A 238 -12.49 7.53 -24.15
N ILE A 239 -12.24 7.11 -22.88
CA ILE A 239 -13.23 6.26 -22.22
C ILE A 239 -14.54 6.97 -22.09
N ASN A 240 -14.47 8.23 -21.62
CA ASN A 240 -15.70 8.97 -21.38
C ASN A 240 -16.44 9.32 -22.68
N SER A 241 -15.83 9.15 -23.85
CA SER A 241 -16.54 9.38 -25.10
C SER A 241 -17.61 8.29 -25.38
N TYR A 242 -17.44 7.12 -24.79
CA TYR A 242 -18.40 6.01 -24.91
C TYR A 242 -19.56 6.27 -23.96
N PRO A 243 -20.81 6.42 -24.44
CA PRO A 243 -21.90 6.71 -23.53
C PRO A 243 -22.18 5.69 -22.44
N ASP A 244 -21.77 4.43 -22.63
CA ASP A 244 -22.02 3.39 -21.63
C ASP A 244 -20.84 3.10 -20.67
N LEU A 245 -19.74 3.86 -20.81
CA LEU A 245 -18.58 3.74 -19.93
C LEU A 245 -18.30 5.06 -19.27
N GLU A 246 -17.53 5.02 -18.19
CA GLU A 246 -17.03 6.24 -17.58
C GLU A 246 -15.78 5.93 -16.78
N THR A 247 -15.00 6.95 -16.49
CA THR A 247 -13.91 6.85 -15.53
C THR A 247 -14.39 7.27 -14.16
N ARG A 248 -13.71 6.69 -13.15
CA ARG A 248 -13.98 7.00 -11.75
C ARG A 248 -12.61 7.08 -11.09
N GLY A 249 -12.24 8.26 -10.67
CA GLY A 249 -10.91 8.47 -10.14
C GLY A 249 -10.92 9.17 -8.81
N THR A 250 -9.81 9.06 -8.11
CA THR A 250 -9.60 9.72 -6.84
C THR A 250 -8.14 9.77 -6.52
N LEU A 251 -7.73 10.80 -5.78
CA LEU A 251 -6.42 10.82 -5.18
C LEU A 251 -6.42 9.73 -4.09
N ILE A 252 -5.37 8.97 -4.01
CA ILE A 252 -5.25 7.90 -3.01
C ILE A 252 -4.12 8.22 -2.03
N GLU A 253 -4.18 7.61 -0.86
CA GLU A 253 -3.21 7.80 0.21
C GLU A 253 -2.03 6.92 -0.02
N ASN A 254 -1.27 7.29 -1.03
CA ASN A 254 -0.10 6.55 -1.52
C ASN A 254 0.81 7.51 -2.21
N PHE A 255 2.11 7.26 -2.23
CA PHE A 255 2.98 8.03 -3.13
C PHE A 255 3.80 7.10 -4.00
N HIS A 256 3.96 7.51 -5.27
CA HIS A 256 4.91 6.90 -6.19
C HIS A 256 6.28 7.48 -5.87
N MET A 257 7.32 6.69 -6.08
CA MET A 257 8.68 7.14 -5.88
C MET A 257 9.62 6.36 -6.78
N PHE A 258 10.91 6.76 -6.79
CA PHE A 258 11.99 5.93 -7.16
C PHE A 258 12.95 5.86 -5.98
N THR A 259 13.70 4.76 -5.97
CA THR A 259 14.64 4.50 -4.89
C THR A 259 15.86 3.78 -5.43
N PHE A 260 16.80 3.48 -4.54
CA PHE A 260 18.10 3.03 -4.88
C PHE A 260 18.50 1.79 -4.13
N ASN A 261 19.37 1.01 -4.76
CA ASN A 261 20.04 -0.06 -4.09
C ASN A 261 21.35 0.54 -3.54
N MET A 262 21.33 0.93 -2.28
CA MET A 262 22.44 1.61 -1.65
C MET A 262 23.56 0.65 -1.22
N ASN A 263 23.44 -0.65 -1.56
CA ASN A 263 24.57 -1.56 -1.47
C ASN A 263 25.50 -1.36 -2.67
N GLN A 264 25.01 -0.73 -3.76
CA GLN A 264 25.82 -0.53 -4.94
C GLN A 264 26.75 0.63 -4.68
N GLU A 265 28.00 0.52 -5.13
CA GLU A 265 29.01 1.53 -4.85
C GLU A 265 28.58 2.97 -5.19
N VAL A 266 28.00 3.16 -6.37
CA VAL A 266 27.60 4.49 -6.84
C VAL A 266 26.51 5.14 -5.99
N PHE A 267 25.78 4.36 -5.19
CA PHE A 267 24.72 4.88 -4.35
C PHE A 267 24.96 4.70 -2.84
N LYS A 268 26.17 4.36 -2.40
CA LYS A 268 26.44 4.24 -0.98
C LYS A 268 26.42 5.63 -0.31
N ASP A 269 26.92 6.64 -1.01
CA ASP A 269 26.93 8.01 -0.54
C ASP A 269 25.67 8.75 -1.08
N LYS A 270 25.23 9.74 -0.36
CA LYS A 270 24.07 10.54 -0.76
C LYS A 270 24.22 11.48 -1.97
N LYS A 271 25.44 11.82 -2.41
CA LYS A 271 25.58 12.87 -3.41
C LYS A 271 24.86 12.61 -4.72
N LEU A 272 25.06 11.44 -5.35
CA LEU A 272 24.39 11.16 -6.62
C LEU A 272 22.91 10.90 -6.45
N ARG A 273 22.49 10.36 -5.31
CA ARG A 273 21.07 10.21 -4.99
C ARG A 273 20.41 11.59 -4.96
N ARG A 274 21.06 12.54 -4.28
CA ARG A 274 20.55 13.88 -4.17
C ARG A 274 20.56 14.59 -5.48
N ALA A 275 21.60 14.37 -6.31
CA ALA A 275 21.67 15.02 -7.59
C ALA A 275 20.46 14.57 -8.47
N LEU A 276 20.15 13.27 -8.45
CA LEU A 276 19.02 12.76 -9.22
C LEU A 276 17.70 13.32 -8.70
N ALA A 277 17.58 13.48 -7.38
CA ALA A 277 16.38 14.02 -6.80
C ALA A 277 16.18 15.51 -7.17
N LEU A 278 17.27 16.31 -7.14
CA LEU A 278 17.17 17.73 -7.39
C LEU A 278 16.86 18.07 -8.82
N ALA A 279 17.06 17.12 -9.75
CA ALA A 279 16.76 17.36 -11.15
C ALA A 279 15.39 16.91 -11.60
N VAL A 280 14.56 16.35 -10.71
CA VAL A 280 13.23 15.90 -11.11
C VAL A 280 12.28 17.10 -11.08
N ASN A 281 11.71 17.47 -12.22
CA ASN A 281 10.74 18.53 -12.30
C ASN A 281 9.39 17.89 -12.17
N ARG A 282 8.86 17.81 -10.97
CA ARG A 282 7.60 17.12 -10.70
C ARG A 282 6.40 17.84 -11.30
N PRO A 283 6.32 19.20 -11.26
CA PRO A 283 5.14 19.84 -11.84
C PRO A 283 4.99 19.59 -13.33
N ILE A 284 6.09 19.50 -14.06
CA ILE A 284 5.98 19.25 -15.52
C ILE A 284 5.54 17.80 -15.81
N MET A 285 5.92 16.84 -14.95
CA MET A 285 5.44 15.48 -15.07
C MET A 285 3.93 15.44 -14.75
N VAL A 286 3.50 16.11 -13.70
CA VAL A 286 2.10 16.17 -13.31
C VAL A 286 1.27 16.80 -14.44
N GLU A 287 1.79 17.86 -15.07
CA GLU A 287 1.07 18.45 -16.19
C GLU A 287 1.01 17.49 -17.37
N ALA A 288 2.14 16.94 -17.79
CA ALA A 288 2.27 16.16 -19.02
C ALA A 288 1.56 14.83 -18.97
N LEU A 289 1.68 14.14 -17.84
CA LEU A 289 1.21 12.77 -17.71
C LEU A 289 -0.03 12.56 -16.88
N TRP A 290 -0.32 13.47 -15.96
CA TRP A 290 -1.43 13.33 -15.03
C TRP A 290 -2.53 14.32 -15.21
N LYS A 291 -2.50 15.18 -16.28
CA LYS A 291 -3.56 16.17 -16.51
C LYS A 291 -3.86 16.98 -15.26
N LYS A 292 -2.82 17.32 -14.50
CA LYS A 292 -2.93 18.14 -13.29
C LYS A 292 -3.50 17.43 -12.09
N GLN A 293 -3.87 16.12 -12.20
CA GLN A 293 -4.64 15.47 -11.17
C GLN A 293 -3.85 14.89 -10.01
N ALA A 294 -2.59 14.55 -10.25
CA ALA A 294 -1.72 14.03 -9.19
C ALA A 294 -1.35 15.18 -8.25
N SER A 295 -0.91 14.86 -7.04
CA SER A 295 -0.62 15.84 -6.02
C SER A 295 0.80 15.70 -5.57
N ILE A 296 1.54 16.77 -5.49
CA ILE A 296 2.96 16.73 -5.13
C ILE A 296 3.13 17.17 -3.66
N PRO A 297 3.49 16.25 -2.76
CA PRO A 297 3.56 16.63 -1.35
C PRO A 297 4.77 17.39 -0.96
N ALA A 298 4.70 18.14 0.14
CA ALA A 298 5.86 18.84 0.70
C ALA A 298 6.60 17.86 1.60
N GLY A 299 7.28 16.98 0.96
CA GLY A 299 8.07 15.96 1.61
C GLY A 299 7.26 14.74 2.01
N PHE A 300 7.77 13.99 2.99
CA PHE A 300 7.20 12.73 3.44
C PHE A 300 6.12 13.11 4.45
N ASN A 301 5.06 13.70 3.94
CA ASN A 301 4.12 14.53 4.69
C ASN A 301 2.82 14.58 3.94
N PHE A 302 1.78 13.93 4.46
CA PHE A 302 0.50 13.77 3.77
C PHE A 302 -0.66 14.12 4.64
N PRO A 303 -1.74 14.67 4.07
CA PRO A 303 -2.85 15.11 4.92
C PRO A 303 -3.49 14.04 5.82
N ASN A 304 -3.45 12.78 5.39
CA ASN A 304 -4.04 11.73 6.19
C ASN A 304 -3.28 11.50 7.50
N TYR A 305 -2.08 12.13 7.67
CA TYR A 305 -1.38 12.07 8.93
C TYR A 305 -2.09 12.85 10.06
N GLY A 306 -3.07 13.68 9.71
CA GLY A 306 -3.87 14.40 10.71
C GLY A 306 -3.06 15.36 11.52
N GLU A 307 -2.91 15.09 12.81
CA GLU A 307 -2.19 15.96 13.70
C GLU A 307 -0.70 16.04 13.40
N THR A 308 -0.15 15.02 12.64
CA THR A 308 1.24 15.05 12.25
C THR A 308 1.43 15.29 10.77
N PHE A 309 0.46 15.95 10.15
CA PHE A 309 0.63 16.55 8.85
C PHE A 309 1.07 17.99 9.10
N ASP A 310 2.05 18.48 8.34
CA ASP A 310 2.48 19.86 8.44
C ASP A 310 2.08 20.61 7.17
N PRO A 311 0.99 21.39 7.22
CA PRO A 311 0.56 22.16 6.07
C PRO A 311 1.39 23.41 5.77
N LYS A 312 2.37 23.76 6.62
CA LYS A 312 3.23 24.92 6.38
C LYS A 312 4.59 24.56 5.81
N ARG A 313 4.81 23.29 5.50
CA ARG A 313 6.07 22.79 5.00
C ARG A 313 6.35 23.23 3.59
N LYS A 314 7.60 23.56 3.32
CA LYS A 314 8.03 23.99 2.02
C LYS A 314 8.11 22.83 1.07
N ALA A 315 7.95 23.10 -0.21
CA ALA A 315 8.04 22.11 -1.27
C ALA A 315 9.43 21.47 -1.28
N MET A 316 9.48 20.24 -1.79
CA MET A 316 10.74 19.56 -2.01
C MET A 316 11.55 20.35 -3.06
N GLU A 317 12.84 20.31 -2.92
CA GLU A 317 13.75 21.13 -3.72
C GLU A 317 13.88 20.72 -5.14
N TYR A 318 13.97 21.71 -6.04
CA TYR A 318 14.22 21.45 -7.46
C TYR A 318 15.30 22.43 -7.84
N ASN A 319 16.46 21.93 -8.22
CA ASN A 319 17.63 22.78 -8.45
C ASN A 319 18.58 22.08 -9.41
N VAL A 320 18.40 22.33 -10.69
CA VAL A 320 19.21 21.72 -11.74
C VAL A 320 20.69 22.10 -11.62
N GLU A 321 21.01 23.36 -11.26
CA GLU A 321 22.42 23.76 -11.17
C GLU A 321 23.12 23.12 -9.98
N GLU A 322 22.43 22.99 -8.84
CA GLU A 322 22.95 22.29 -7.67
C GLU A 322 23.10 20.82 -8.04
N ALA A 323 22.14 20.22 -8.79
CA ALA A 323 22.21 18.84 -9.23
C ALA A 323 23.45 18.60 -10.07
N LYS A 324 23.75 19.52 -11.02
CA LYS A 324 24.94 19.37 -11.86
C LYS A 324 26.20 19.36 -11.02
N ARG A 325 26.25 20.22 -10.01
CA ARG A 325 27.41 20.35 -9.16
C ARG A 325 27.60 19.10 -8.32
N LEU A 326 26.50 18.49 -7.84
CA LEU A 326 26.57 17.25 -7.10
C LEU A 326 27.04 16.09 -7.98
N VAL A 327 26.65 16.04 -9.24
CA VAL A 327 27.14 14.98 -10.17
C VAL A 327 28.67 15.11 -10.27
N LYS A 328 29.16 16.32 -10.43
CA LYS A 328 30.60 16.56 -10.53
C LYS A 328 31.30 16.18 -9.23
N GLU A 329 30.80 16.60 -8.08
CA GLU A 329 31.42 16.29 -6.79
C GLU A 329 31.40 14.79 -6.45
N SER A 330 30.42 14.03 -6.93
CA SER A 330 30.32 12.60 -6.67
C SER A 330 31.37 11.76 -7.42
N GLY A 331 32.03 12.32 -8.41
CA GLY A 331 32.98 11.57 -9.22
C GLY A 331 32.32 10.72 -10.29
N TYR A 332 30.95 10.70 -10.40
CA TYR A 332 30.26 9.94 -11.45
C TYR A 332 30.93 10.08 -12.87
N ASP A 333 31.19 8.95 -13.53
CA ASP A 333 31.98 8.95 -14.76
C ASP A 333 31.25 8.84 -16.08
N GLY A 334 29.92 8.90 -16.07
CA GLY A 334 29.14 8.80 -17.29
C GLY A 334 28.64 7.41 -17.62
N THR A 335 29.04 6.39 -16.84
CA THR A 335 28.58 5.00 -17.07
C THR A 335 27.03 4.92 -16.98
N PRO A 336 26.29 4.18 -17.83
CA PRO A 336 24.83 4.08 -17.65
C PRO A 336 24.39 3.39 -16.35
N ILE A 337 23.37 3.98 -15.69
CA ILE A 337 22.78 3.46 -14.46
C ILE A 337 21.41 2.91 -14.83
N THR A 338 21.13 1.65 -14.45
CA THR A 338 19.83 1.07 -14.76
C THR A 338 18.75 1.50 -13.81
N TYR A 339 17.51 1.58 -14.34
CA TYR A 339 16.30 1.88 -13.56
C TYR A 339 15.30 0.77 -13.94
N HIS A 340 15.00 -0.10 -12.98
CA HIS A 340 14.09 -1.24 -13.20
C HIS A 340 12.63 -0.85 -12.99
N THR A 341 11.74 -1.33 -13.87
CA THR A 341 10.32 -1.13 -13.76
C THR A 341 9.60 -2.36 -14.26
N MET A 342 8.48 -2.72 -13.64
N MET A 342 8.49 -2.74 -13.64
CA MET A 342 7.69 -3.89 -14.06
CA MET A 342 7.69 -3.89 -14.06
C MET A 342 6.63 -3.41 -15.04
C MET A 342 6.62 -3.39 -15.03
N GLY A 343 7.06 -2.92 -16.20
CA GLY A 343 6.17 -2.28 -17.13
C GLY A 343 5.47 -1.09 -16.48
N ASN A 344 4.14 -1.01 -16.67
CA ASN A 344 3.28 0.00 -16.06
C ASN A 344 2.41 -0.59 -15.00
N TYR A 345 3.00 -1.46 -14.13
CA TYR A 345 2.34 -1.87 -12.88
C TYR A 345 1.92 -0.63 -12.08
N TYR A 346 2.80 0.39 -12.06
CA TYR A 346 2.45 1.71 -11.55
C TYR A 346 1.94 2.51 -12.73
N ALA A 347 0.84 3.19 -12.60
CA ALA A 347 0.33 4.07 -13.63
C ALA A 347 1.37 5.14 -13.94
N ASN A 348 1.65 5.31 -15.21
CA ASN A 348 2.64 6.25 -15.74
C ASN A 348 4.09 5.88 -15.42
N ALA A 349 4.36 4.61 -15.08
CA ALA A 349 5.75 4.24 -14.69
C ALA A 349 6.73 4.53 -15.80
N MET A 350 6.47 3.97 -16.99
CA MET A 350 7.41 4.12 -18.11
C MET A 350 7.38 5.54 -18.69
N PRO A 351 6.21 6.19 -18.83
CA PRO A 351 6.21 7.59 -19.30
C PRO A 351 6.99 8.50 -18.35
N ALA A 352 6.79 8.33 -17.03
CA ALA A 352 7.52 9.14 -16.03
C ALA A 352 9.00 8.89 -16.15
N LEU A 353 9.40 7.62 -16.23
CA LEU A 353 10.83 7.29 -16.38
C LEU A 353 11.41 7.92 -17.61
N MET A 354 10.71 7.86 -18.72
CA MET A 354 11.25 8.49 -19.96
C MET A 354 11.48 9.96 -19.81
N MET A 355 10.56 10.66 -19.13
CA MET A 355 10.76 12.08 -18.88
C MET A 355 11.97 12.28 -17.95
N MET A 356 12.07 11.47 -16.88
CA MET A 356 13.17 11.65 -15.92
C MET A 356 14.50 11.35 -16.57
N ILE A 357 14.58 10.35 -17.47
CA ILE A 357 15.83 10.05 -18.19
C ILE A 357 16.32 11.29 -18.94
N GLU A 358 15.39 12.05 -19.56
CA GLU A 358 15.75 13.27 -20.24
C GLU A 358 16.21 14.34 -19.24
N MET A 359 15.55 14.46 -18.09
CA MET A 359 15.94 15.44 -17.07
C MET A 359 17.38 15.13 -16.59
N TRP A 360 17.67 13.84 -16.41
CA TRP A 360 18.98 13.38 -15.94
C TRP A 360 20.07 13.54 -17.00
N LYS A 361 19.74 13.33 -18.27
CA LYS A 361 20.70 13.64 -19.36
C LYS A 361 21.16 15.11 -19.29
N GLN A 362 20.25 16.01 -18.91
CA GLN A 362 20.53 17.43 -18.81
C GLN A 362 21.43 17.77 -17.63
N ILE A 363 21.63 16.86 -16.65
CA ILE A 363 22.58 17.08 -15.57
C ILE A 363 23.86 16.18 -15.72
N GLY A 364 23.95 15.41 -16.81
CA GLY A 364 25.12 14.60 -17.12
C GLY A 364 25.04 13.19 -16.63
N VAL A 365 23.81 12.66 -16.31
CA VAL A 365 23.70 11.28 -15.83
C VAL A 365 22.94 10.48 -16.84
N ASN A 366 23.49 9.32 -17.24
CA ASN A 366 22.90 8.43 -18.23
C ASN A 366 22.18 7.30 -17.52
N VAL A 367 20.84 7.34 -17.56
CA VAL A 367 19.99 6.33 -16.96
C VAL A 367 19.26 5.58 -18.09
N VAL A 368 19.18 4.28 -17.98
CA VAL A 368 18.54 3.40 -18.92
C VAL A 368 17.48 2.53 -18.26
N MET A 369 16.37 2.35 -18.97
CA MET A 369 15.28 1.50 -18.47
C MET A 369 15.59 0.01 -18.64
N LYS A 370 15.28 -0.76 -17.64
CA LYS A 370 15.28 -2.20 -17.66
C LYS A 370 13.93 -2.64 -17.17
N THR A 371 13.27 -3.50 -17.94
CA THR A 371 11.97 -4.01 -17.57
C THR A 371 12.09 -5.40 -17.02
N TYR A 372 11.18 -5.75 -16.14
CA TYR A 372 11.07 -7.08 -15.59
C TYR A 372 9.60 -7.48 -15.62
N ALA A 373 9.35 -8.79 -15.71
CA ALA A 373 8.03 -9.33 -15.92
C ALA A 373 7.22 -9.36 -14.66
N PRO A 374 5.87 -9.35 -14.74
CA PRO A 374 5.07 -9.52 -13.51
C PRO A 374 5.46 -10.73 -12.68
N GLY A 375 5.81 -10.50 -11.43
CA GLY A 375 6.25 -11.58 -10.55
C GLY A 375 7.64 -12.12 -10.82
N SER A 376 8.56 -11.30 -11.37
CA SER A 376 9.93 -11.76 -11.68
C SER A 376 10.94 -10.69 -11.27
N PHE A 377 10.77 -10.17 -10.03
CA PHE A 377 11.62 -9.12 -9.45
C PHE A 377 13.11 -9.55 -9.59
N PRO A 378 13.97 -8.70 -10.14
CA PRO A 378 15.36 -9.10 -10.37
C PRO A 378 16.16 -9.34 -9.09
N PRO A 379 17.33 -10.02 -9.19
CA PRO A 379 18.17 -10.14 -7.99
C PRO A 379 18.58 -8.77 -7.51
N ASP A 380 18.60 -8.55 -6.19
CA ASP A 380 18.89 -7.22 -5.68
C ASP A 380 20.17 -6.62 -6.22
N ASN A 381 21.24 -7.43 -6.33
CA ASN A 381 22.52 -6.92 -6.82
C ASN A 381 22.61 -6.65 -8.30
N GLN A 382 21.56 -6.94 -9.05
CA GLN A 382 21.40 -6.51 -10.43
C GLN A 382 20.59 -5.22 -10.59
N THR A 383 20.16 -4.62 -9.46
CA THR A 383 19.40 -3.39 -9.46
C THR A 383 20.21 -2.23 -8.90
N TRP A 384 20.00 -1.04 -9.52
CA TRP A 384 20.62 0.21 -9.11
C TRP A 384 19.39 1.08 -8.73
N MET A 385 18.74 1.74 -9.68
CA MET A 385 17.51 2.47 -9.40
C MET A 385 16.33 1.58 -9.70
N ARG A 386 15.22 1.85 -9.03
CA ARG A 386 13.96 1.16 -9.28
C ARG A 386 12.82 2.05 -8.82
N ASN A 387 11.64 1.82 -9.35
CA ASN A 387 10.44 2.46 -8.88
C ASN A 387 9.75 1.64 -7.78
N TRP A 388 8.92 2.32 -7.00
CA TRP A 388 8.19 1.71 -5.90
C TRP A 388 7.07 2.67 -5.53
N SER A 389 6.25 2.28 -4.57
CA SER A 389 5.22 3.16 -4.00
C SER A 389 5.08 2.77 -2.55
N ASN A 390 4.45 3.67 -1.78
CA ASN A 390 4.09 3.35 -0.40
C ASN A 390 2.72 3.88 -0.11
N GLY A 391 1.86 2.98 0.34
CA GLY A 391 0.58 3.34 0.89
C GLY A 391 0.73 3.94 2.25
N GLN A 392 0.08 5.07 2.53
CA GLN A 392 0.15 5.77 3.81
C GLN A 392 -0.98 5.24 4.65
N TRP A 393 -0.66 4.10 5.30
CA TRP A 393 -1.64 3.21 5.86
C TRP A 393 -2.08 3.47 7.31
N MET A 394 -1.73 4.59 7.90
CA MET A 394 -2.25 5.02 9.18
C MET A 394 -2.75 6.45 9.10
N THR A 395 -3.65 6.84 10.00
CA THR A 395 -4.03 8.25 10.17
C THR A 395 -3.04 8.92 11.12
N ASP A 396 -1.73 8.80 10.75
CA ASP A 396 -0.61 9.25 11.53
C ASP A 396 0.64 9.17 10.68
N ALA A 397 1.62 10.03 10.96
CA ALA A 397 2.88 10.09 10.25
C ALA A 397 3.79 8.92 10.49
N TYR A 398 3.50 8.03 11.46
CA TYR A 398 4.41 6.87 11.67
C TYR A 398 4.62 6.08 10.40
N ALA A 399 3.51 5.79 9.66
CA ALA A 399 3.62 5.03 8.42
C ALA A 399 3.69 6.03 7.22
N THR A 400 4.52 5.80 6.22
CA THR A 400 5.48 4.72 6.11
C THR A 400 6.92 5.06 6.44
N ILE A 401 7.20 6.28 6.94
CA ILE A 401 8.59 6.65 7.19
C ILE A 401 9.27 5.68 8.20
N VAL A 402 8.55 5.29 9.27
CA VAL A 402 9.18 4.39 10.25
C VAL A 402 9.19 2.96 9.78
N PRO A 403 8.07 2.37 9.37
CA PRO A 403 8.11 0.95 8.96
C PRO A 403 9.03 0.67 7.77
N GLU A 404 9.06 1.55 6.79
CA GLU A 404 9.90 1.33 5.59
C GLU A 404 11.31 1.84 5.75
N PHE A 405 11.44 3.06 6.27
CA PHE A 405 12.73 3.76 6.31
C PHE A 405 13.41 3.82 7.68
N GLY A 406 12.81 3.25 8.68
CA GLY A 406 13.37 3.22 10.02
C GLY A 406 14.46 2.19 10.22
N PRO A 407 15.02 2.17 11.43
CA PRO A 407 16.15 1.28 11.69
C PRO A 407 15.86 -0.20 11.58
N ASN A 408 14.65 -0.60 11.75
CA ASN A 408 14.27 -2.02 11.63
C ASN A 408 13.64 -2.34 10.29
N GLY A 409 13.66 -1.38 9.36
CA GLY A 409 13.02 -1.45 8.06
C GLY A 409 13.87 -1.97 6.94
N GLN A 410 13.21 -2.24 5.82
CA GLN A 410 13.90 -2.87 4.67
C GLN A 410 14.80 -1.94 3.90
N VAL A 411 14.54 -0.64 3.89
CA VAL A 411 15.38 0.30 3.14
C VAL A 411 16.77 0.37 3.75
N GLN A 412 16.87 0.31 5.10
CA GLN A 412 18.19 0.24 5.76
C GLN A 412 18.73 -1.21 5.76
N LYS A 413 17.92 -2.21 6.08
CA LYS A 413 18.42 -3.58 6.28
C LYS A 413 18.68 -4.38 5.03
N ARG A 414 17.82 -4.28 4.04
CA ARG A 414 17.95 -4.98 2.78
C ARG A 414 18.65 -4.10 1.75
N TRP A 415 18.23 -2.84 1.62
CA TRP A 415 18.71 -1.98 0.56
C TRP A 415 19.86 -1.06 0.94
N GLY A 416 20.42 -1.21 2.14
CA GLY A 416 21.68 -0.61 2.47
C GLY A 416 21.74 0.85 2.82
N TRP A 417 20.60 1.54 3.05
CA TRP A 417 20.68 2.92 3.48
C TRP A 417 21.37 3.05 4.82
N LYS A 418 22.50 3.79 4.86
CA LYS A 418 23.20 4.06 6.10
C LYS A 418 22.62 5.32 6.67
N ALA A 419 21.48 5.21 7.34
CA ALA A 419 20.80 6.38 7.87
C ALA A 419 21.63 7.06 8.98
N PRO A 420 21.59 8.42 9.10
CA PRO A 420 22.21 9.11 10.24
C PRO A 420 21.64 8.58 11.53
N ALA A 421 22.47 8.44 12.57
CA ALA A 421 21.99 7.96 13.85
C ALA A 421 20.86 8.83 14.39
N GLU A 422 20.89 10.12 14.13
CA GLU A 422 19.83 11.06 14.60
C GLU A 422 18.46 10.63 14.05
N PHE A 423 18.44 10.21 12.76
CA PHE A 423 17.19 9.75 12.15
C PHE A 423 16.60 8.58 12.89
N ASN A 424 17.45 7.57 13.19
CA ASN A 424 16.97 6.39 13.87
C ASN A 424 16.52 6.66 15.30
N GLU A 425 17.24 7.57 15.98
CA GLU A 425 16.82 8.03 17.32
C GLU A 425 15.47 8.68 17.29
N LEU A 426 15.22 9.55 16.26
CA LEU A 426 13.92 10.18 16.15
C LEU A 426 12.83 9.18 15.86
N CYS A 427 13.10 8.15 15.03
CA CYS A 427 12.11 7.09 14.76
C CYS A 427 11.65 6.42 16.07
N GLN A 428 12.61 6.15 16.95
CA GLN A 428 12.27 5.53 18.25
C GLN A 428 11.42 6.47 19.09
N LYS A 429 11.75 7.76 19.08
CA LYS A 429 10.97 8.75 19.86
C LYS A 429 9.52 8.88 19.39
N VAL A 430 9.31 9.05 18.07
CA VAL A 430 7.95 9.21 17.57
C VAL A 430 7.06 7.98 17.76
N THR A 431 7.66 6.82 17.86
CA THR A 431 6.93 5.56 18.05
C THR A 431 6.16 5.57 19.38
N VAL A 432 6.74 6.17 20.42
CA VAL A 432 6.20 6.12 21.79
C VAL A 432 5.62 7.43 22.28
N LEU A 433 5.90 8.57 21.62
CA LEU A 433 5.37 9.83 22.12
C LEU A 433 3.90 10.00 21.75
N PRO A 434 3.10 10.61 22.63
CA PRO A 434 1.78 11.05 22.20
C PRO A 434 1.94 12.31 21.33
N ASN A 435 0.88 12.68 20.62
CA ASN A 435 0.93 13.87 19.79
C ASN A 435 1.15 15.12 20.65
N GLY A 436 1.91 16.04 20.12
CA GLY A 436 2.30 17.29 20.74
C GLY A 436 3.43 17.96 19.99
N LYS A 437 3.95 19.06 20.50
CA LYS A 437 5.02 19.77 19.81
C LYS A 437 6.26 18.93 19.57
N GLU A 438 6.67 18.15 20.57
CA GLU A 438 7.90 17.36 20.46
C GLU A 438 7.78 16.37 19.30
N ARG A 439 6.70 15.58 19.29
CA ARG A 439 6.51 14.57 18.23
C ARG A 439 6.37 15.27 16.88
N PHE A 440 5.60 16.36 16.81
CA PHE A 440 5.43 17.08 15.54
C PHE A 440 6.78 17.55 14.98
N ASP A 441 7.58 18.19 15.84
CA ASP A 441 8.90 18.66 15.41
C ASP A 441 9.82 17.52 15.06
N ALA A 442 9.73 16.38 15.74
CA ALA A 442 10.57 15.22 15.43
C ALA A 442 10.28 14.71 14.02
N TYR A 443 9.00 14.62 13.61
CA TYR A 443 8.71 14.17 12.24
C TYR A 443 9.25 15.16 11.21
N ASN A 444 9.18 16.48 11.51
CA ASN A 444 9.72 17.46 10.58
C ASN A 444 11.22 17.31 10.42
N ARG A 445 11.96 17.03 11.52
CA ARG A 445 13.39 16.80 11.39
C ARG A 445 13.68 15.51 10.61
N MET A 446 12.89 14.45 10.83
CA MET A 446 13.01 13.21 10.04
C MET A 446 12.81 13.48 8.57
N ARG A 447 11.80 14.34 8.25
CA ARG A 447 11.53 14.70 6.86
C ARG A 447 12.67 15.43 6.25
N ASP A 448 13.27 16.36 7.01
CA ASP A 448 14.43 17.12 6.52
C ASP A 448 15.60 16.17 6.23
N ILE A 449 15.87 15.23 7.19
CA ILE A 449 16.95 14.27 6.94
C ILE A 449 16.67 13.40 5.73
N PHE A 450 15.42 12.96 5.56
CA PHE A 450 15.02 12.17 4.42
C PHE A 450 15.34 12.89 3.12
N GLU A 451 15.08 14.21 3.04
CA GLU A 451 15.36 14.98 1.83
C GLU A 451 16.87 15.19 1.64
N GLU A 452 17.60 15.39 2.72
CA GLU A 452 19.04 15.54 2.70
C GLU A 452 19.72 14.29 2.19
N GLU A 453 19.23 13.12 2.59
CA GLU A 453 19.83 11.82 2.32
C GLU A 453 19.36 11.15 1.07
N ALA A 454 18.15 11.46 0.62
CA ALA A 454 17.56 10.89 -0.56
C ALA A 454 17.69 9.36 -0.65
N PRO A 455 17.27 8.60 0.39
CA PRO A 455 17.24 7.12 0.22
C PRO A 455 16.16 6.70 -0.77
N ALA A 456 15.17 7.59 -0.99
CA ALA A 456 14.15 7.48 -2.02
C ALA A 456 13.79 8.90 -2.42
N VAL A 457 13.17 9.05 -3.58
CA VAL A 457 12.74 10.33 -4.08
C VAL A 457 11.26 10.23 -4.31
N ILE A 458 10.47 11.01 -3.56
CA ILE A 458 9.02 11.02 -3.67
C ILE A 458 8.67 11.78 -4.97
N LEU A 459 7.76 11.22 -5.78
CA LEU A 459 7.33 11.87 -7.00
C LEU A 459 6.02 12.59 -6.71
N TYR A 460 5.01 11.88 -6.34
CA TYR A 460 3.66 12.44 -6.18
C TYR A 460 2.70 11.40 -5.69
N GLN A 461 1.54 11.84 -5.21
CA GLN A 461 0.40 11.00 -4.90
C GLN A 461 -0.31 10.77 -6.19
N PRO A 462 -0.50 9.53 -6.63
CA PRO A 462 -1.21 9.32 -7.89
C PRO A 462 -2.68 9.62 -7.78
N TYR A 463 -3.27 10.04 -8.93
CA TYR A 463 -4.70 10.12 -9.08
C TYR A 463 -5.07 8.80 -9.68
N ASP A 464 -5.69 7.92 -8.90
CA ASP A 464 -5.98 6.55 -9.27
C ASP A 464 -7.20 6.55 -10.16
N VAL A 465 -7.06 6.06 -11.38
CA VAL A 465 -8.11 6.12 -12.35
C VAL A 465 -8.59 4.72 -12.70
N TYR A 466 -9.85 4.44 -12.46
CA TYR A 466 -10.52 3.23 -12.88
C TYR A 466 -11.44 3.59 -14.05
N ALA A 467 -11.87 2.60 -14.80
CA ALA A 467 -12.92 2.79 -15.79
C ALA A 467 -13.92 1.67 -15.61
N ALA A 468 -15.20 2.00 -15.83
CA ALA A 468 -16.25 1.06 -15.53
C ALA A 468 -17.39 1.23 -16.48
N ARG A 469 -18.18 0.17 -16.60
CA ARG A 469 -19.46 0.22 -17.25
C ARG A 469 -20.39 1.06 -16.36
N LYS A 470 -21.19 1.93 -16.98
CA LYS A 470 -22.13 2.75 -16.22
C LYS A 470 -23.18 1.89 -15.52
N ASP A 471 -23.41 0.64 -15.97
CA ASP A 471 -24.36 -0.24 -15.35
C ASP A 471 -23.74 -1.05 -14.18
N VAL A 472 -22.51 -0.75 -13.79
CA VAL A 472 -21.87 -1.36 -12.64
C VAL A 472 -21.63 -0.20 -11.67
N HIS A 473 -22.39 -0.14 -10.60
CA HIS A 473 -22.37 0.94 -9.65
C HIS A 473 -21.38 0.61 -8.54
N TRP A 474 -20.32 1.40 -8.43
CA TRP A 474 -19.22 1.18 -7.50
C TRP A 474 -18.40 2.47 -7.44
N LYS A 475 -18.09 2.93 -6.24
CA LYS A 475 -17.29 4.11 -6.07
C LYS A 475 -15.90 3.80 -5.55
N PRO A 476 -14.86 4.43 -6.08
CA PRO A 476 -13.52 4.28 -5.50
C PRO A 476 -13.38 4.88 -4.12
N VAL A 477 -12.40 4.35 -3.37
CA VAL A 477 -11.97 4.89 -2.10
C VAL A 477 -10.56 5.48 -2.24
N SER A 478 -10.17 6.32 -1.28
CA SER A 478 -8.90 7.01 -1.31
C SER A 478 -7.74 6.15 -0.78
N PHE A 479 -7.68 4.91 -1.25
CA PHE A 479 -6.65 3.97 -0.84
C PHE A 479 -6.49 2.91 -1.93
N GLU A 480 -5.39 2.22 -1.95
CA GLU A 480 -5.04 1.22 -2.95
C GLU A 480 -5.79 -0.11 -2.75
N MET A 481 -7.13 -0.02 -2.80
N MET A 481 -7.13 -0.03 -2.79
CA MET A 481 -8.03 -1.15 -2.60
CA MET A 481 -8.01 -1.18 -2.65
C MET A 481 -9.34 -0.86 -3.34
C MET A 481 -9.37 -0.84 -3.24
N MET A 482 -10.20 -1.87 -3.42
CA MET A 482 -11.56 -1.74 -3.90
C MET A 482 -12.47 -2.26 -2.80
N GLU A 483 -13.49 -1.49 -2.45
CA GLU A 483 -14.48 -1.83 -1.46
C GLU A 483 -15.79 -2.13 -2.17
N PHE A 484 -16.39 -3.27 -1.90
CA PHE A 484 -17.69 -3.62 -2.46
C PHE A 484 -18.80 -3.70 -1.42
N ARG A 485 -18.48 -3.63 -0.11
CA ARG A 485 -19.53 -3.68 0.91
C ARG A 485 -20.40 -2.45 0.84
N ASN A 486 -21.72 -2.64 0.59
CA ASN A 486 -22.68 -1.56 0.33
C ASN A 486 -22.15 -0.60 -0.74
N ASN A 487 -21.41 -1.13 -1.68
CA ASN A 487 -20.78 -0.30 -2.71
C ASN A 487 -20.60 -1.09 -4.01
N LEU A 488 -21.57 -1.90 -4.36
CA LEU A 488 -21.54 -2.66 -5.59
C LEU A 488 -22.95 -3.11 -5.94
N SER A 489 -23.48 -2.60 -7.04
CA SER A 489 -24.78 -3.00 -7.53
C SER A 489 -24.78 -2.93 -9.06
N PHE A 490 -25.75 -3.59 -9.71
CA PHE A 490 -25.80 -3.73 -11.15
C PHE A 490 -27.14 -3.30 -11.71
N GLY A 491 -27.12 -2.69 -12.88
CA GLY A 491 -28.34 -2.27 -13.54
C GLY A 491 -28.52 -0.77 -13.46
C1 GLC B . 5.92 -7.61 -6.14
C2 GLC B . 5.64 -8.37 -7.44
C3 GLC B . 4.21 -8.08 -7.89
C4 GLC B . 3.25 -8.52 -6.82
C5 GLC B . 3.59 -7.83 -5.51
C6 GLC B . 2.81 -8.37 -4.35
O2 GLC B . 6.61 -7.97 -8.37
O3 GLC B . 3.86 -8.72 -9.11
O4 GLC B . 1.90 -8.21 -7.13
O5 GLC B . 4.97 -8.02 -5.17
O6 GLC B . 2.98 -9.76 -4.19
H1 GLC B . 6.90 -7.89 -5.78
H2 GLC B . 5.72 -9.44 -7.26
H3 GLC B . 4.05 -7.00 -8.05
H4 GLC B . 3.33 -9.61 -6.71
H5 GLC B . 3.38 -6.75 -5.58
H61 GLC B . 1.74 -8.15 -4.44
H62 GLC B . 3.17 -7.91 -3.42
HO2 GLC B . 7.46 -8.35 -8.07
HO3 GLC B . 4.12 -9.66 -9.04
HO4 GLC B . 1.70 -8.74 -7.94
HO6 GLC B . 3.91 -9.91 -3.96
C1 FRU B . 8.19 -5.47 -6.53
C2 FRU B . 6.87 -5.28 -5.80
C3 FRU B . 6.34 -3.83 -5.80
C4 FRU B . 5.41 -3.86 -4.60
C5 FRU B . 6.24 -4.68 -3.61
C6 FRU B . 5.39 -5.39 -2.57
O1 FRU B . 8.01 -5.58 -7.95
O2 FRU B . 5.93 -6.17 -6.35
O3 FRU B . 5.68 -3.53 -7.02
O5 FRU B . 7.01 -5.61 -4.41
O6 FRU B . 4.47 -6.27 -3.16
H11 FRU B . 8.66 -6.41 -6.23
H12 FRU B . 8.91 -4.68 -6.26
H3 FRU B . 7.18 -3.15 -5.59
H4 FRU B . 4.50 -4.40 -4.89
H5 FRU B . 6.98 -4.05 -3.11
HO1 FRU B . 7.45 -6.38 -8.11
HO2 FRU B . 5.74 -5.83 -7.26
HO3 FRU B . 6.20 -2.88 -7.56
C1 GLC C . 5.92 -7.61 -6.14
C2 GLC C . 5.64 -8.37 -7.44
C3 GLC C . 4.21 -8.08 -7.89
C4 GLC C . 3.25 -8.52 -6.82
C5 GLC C . 3.59 -7.83 -5.51
C6 GLC C . 2.81 -8.37 -4.35
O2 GLC C . 6.61 -7.97 -8.37
O3 GLC C . 3.86 -8.72 -9.11
O4 GLC C . 1.90 -8.21 -7.13
O5 GLC C . 4.97 -8.02 -5.17
O6 GLC C . 2.98 -9.76 -4.19
H1 GLC C . 6.90 -7.89 -5.78
H2 GLC C . 5.72 -9.44 -7.26
H3 GLC C . 4.05 -7.00 -8.05
H4 GLC C . 3.33 -9.61 -6.71
H5 GLC C . 3.38 -6.75 -5.58
H61 GLC C . 1.74 -8.15 -4.44
H62 GLC C . 3.17 -7.91 -3.42
HO2 GLC C . 7.46 -8.35 -8.07
HO3 GLC C . 4.12 -9.66 -9.04
HO4 GLC C . 1.70 -8.74 -7.94
HO6 GLC C . 3.91 -9.91 -3.96
C1 FRU C . 8.19 -5.47 -6.53
C2 FRU C . 6.87 -5.28 -5.80
C3 FRU C . 6.34 -3.83 -5.80
C4 FRU C . 5.41 -3.86 -4.60
C5 FRU C . 6.24 -4.68 -3.61
C6 FRU C . 5.39 -5.39 -2.57
O1 FRU C . 8.01 -5.58 -7.95
O2 FRU C . 5.93 -6.17 -6.35
O3 FRU C . 5.68 -3.53 -7.02
O4 FRU C . 5.26 -2.50 -4.18
O5 FRU C . 7.01 -5.61 -4.41
O6 FRU C . 6.17 -6.32 -1.82
H11 FRU C . 8.66 -6.41 -6.23
H12 FRU C . 8.91 -4.68 -6.26
H3 FRU C . 7.18 -3.15 -5.59
H4 FRU C . 4.50 -4.40 -4.89
H5 FRU C . 6.98 -4.05 -3.11
HO1 FRU C . 7.45 -6.38 -8.11
HO2 FRU C . 5.74 -5.83 -7.26
HO3 FRU C . 6.20 -2.88 -7.56
OP2 VDF D . 2.76 -2.53 -4.88
P VDF D . 3.81 -1.81 -4.11
OP1 VDF D . 4.23 -0.43 -4.42
OP3 VDF D . 5.26 -2.50 -4.18
O2 VDF D . 3.33 -1.89 -2.60
C2 VDF D . 3.78 -1.07 -1.51
C3 VDF D . 4.38 -2.00 -0.41
O3 VDF D . 5.62 -2.51 -0.88
C4 VDF D . 4.59 -1.24 0.88
O4 VDF D . 5.56 -0.24 0.67
C5 VDF D . 3.32 -0.59 1.31
O5 VDF D . 2.75 0.27 0.28
C1 VDF D . 2.46 -0.45 -0.96
O1 VDF D . 1.49 -1.40 -0.91
H2 VDF D . 4.52 -0.30 -1.82
H3 VDF D . 3.64 -2.81 -0.24
HO3 VDF D . 5.39 -3.10 -1.59
H4 VDF D . 4.88 -1.96 1.70
HO4 VDF D . 5.81 0.10 1.51
H51 VDF D . 2.58 -1.33 1.67
H52 VDF D . 3.59 0.09 2.17
HO1 VDF D . 1.30 -1.66 -0.04
C1 EDO E . -5.07 -29.85 22.85
O1 EDO E . -4.92 -28.49 22.46
C2 EDO E . -3.72 -30.45 23.11
O2 EDO E . -3.15 -30.94 21.89
H11 EDO E . -5.60 -30.38 22.05
H12 EDO E . -5.68 -29.87 23.75
HO1 EDO E . -5.82 -28.14 22.31
H21 EDO E . -3.81 -31.31 23.78
H22 EDO E . -3.03 -29.73 23.53
HO2 EDO E . -2.33 -31.39 22.12
C ACT F . 22.12 4.22 -23.59
O ACT F . 23.22 3.90 -23.01
OXT ACT F . 21.28 3.56 -24.27
CH3 ACT F . 21.73 5.61 -23.37
H1 ACT F . 21.54 5.75 -22.30
H2 ACT F . 20.81 5.85 -23.89
H3 ACT F . 22.50 6.27 -23.66
OP2 LAO G . 2.76 -2.53 -4.88
P LAO G . 3.81 -1.81 -4.11
OP1 LAO G . 4.23 -0.43 -4.42
O2 LAO G . 3.33 -1.89 -2.60
C2 LAO G . 3.78 -1.07 -1.51
C3 LAO G . 4.38 -2.00 -0.41
O3 LAO G . 5.62 -2.51 -0.88
C4 LAO G . 4.59 -1.24 0.88
O4 LAO G . 5.56 -0.24 0.67
C5 LAO G . 3.32 -0.59 1.31
O5 LAO G . 2.75 0.27 0.28
C1 LAO G . 2.46 -0.45 -0.96
O1 LAO G . 1.97 0.51 -1.81
H2 LAO G . 4.52 -0.30 -1.82
H3 LAO G . 3.64 -2.81 -0.24
HO3 LAO G . 5.39 -3.10 -1.59
H4 LAO G . 4.88 -1.96 1.70
HO4 LAO G . 5.81 0.10 1.51
H51 LAO G . 2.58 -1.33 1.67
H52 LAO G . 3.59 0.09 2.17
HO1 LAO G . 1.95 0.24 -2.72
#